data_6NEB
#
_entry.id   6NEB
#
_entity_poly.entity_id   1
_entity_poly.type   'polydeoxyribonucleotide'
_entity_poly.pdbx_seq_one_letter_code
;(DT)(DT)(DG)(DG)(DG)(DG)(DA)(DG)(DG)(DG)(DT)(DT)(DT)(DT)(DA)(DA)(DG)(DG)(DG)(DT)
(DG)(DG)(DG)(DG)(DA)(DA)(DT)
;
_entity_poly.pdbx_strand_id   A
#
loop_
_chem_comp.id
_chem_comp.type
_chem_comp.name
_chem_comp.formula
DA DNA linking 2'-DEOXYADENOSINE-5'-MONOPHOSPHATE 'C10 H14 N5 O6 P'
DG DNA linking 2'-DEOXYGUANOSINE-5'-MONOPHOSPHATE 'C10 H14 N5 O7 P'
DT DNA linking THYMIDINE-5'-MONOPHOSPHATE 'C10 H15 N2 O8 P'
#